data_6A27
#
_entry.id   6A27
#
_cell.length_a   43.459
_cell.length_b   99.357
_cell.length_c   48.101
_cell.angle_alpha   90.00
_cell.angle_beta   110.05
_cell.angle_gamma   90.00
#
_symmetry.space_group_name_H-M   'P 1 21 1'
#
loop_
_entity.id
_entity.type
_entity.pdbx_description
1 polymer 'DNA repair protein PprA'
2 non-polymer 'SULFATE ION'
3 non-polymer GLYCEROL
4 water water
#
_entity_poly.entity_id   1
_entity_poly.type   'polypeptide(L)'
_entity_poly.pdbx_seq_one_letter_code
;MARAKAKDQTDGIYAAFDTLMSTAGVDSQIAALAASEADAGTLDAALTQSLQEAQGRWGLGLHHLRHEARLTDDGDIEIL
TDGRPSARVSEGFGALAQAYAPMQALDERGLSQWAALGEGYRAPGDLPLAQLKVLIEHARDFETDWSAGRGETFQRVWRK
GDTLFVEVARPASAEAALSDAARDVIASIKDRAFQRELMRRSEKDGMLGALLGARHAGAKANLAQLPEAHFTVQAFVQTL
SGAAARNAEEYRAALKTAAAALEEYQGVTTRQLSEVLRHGLRES
;
_entity_poly.pdbx_strand_id   A,B
#
loop_
_chem_comp.id
_chem_comp.type
_chem_comp.name
_chem_comp.formula
GOL non-polymer GLYCEROL 'C3 H8 O3'
SO4 non-polymer 'SULFATE ION' 'O4 S -2'
#
# COMPACT_ATOMS: atom_id res chain seq x y z
N GLY A 12 -4.21 23.41 -36.05
CA GLY A 12 -4.27 21.96 -36.06
C GLY A 12 -4.47 21.35 -34.68
N ILE A 13 -4.52 20.02 -34.63
CA ILE A 13 -4.85 19.33 -33.39
C ILE A 13 -3.74 19.47 -32.34
N TYR A 14 -2.50 19.61 -32.78
CA TYR A 14 -1.40 19.74 -31.84
C TYR A 14 -1.44 21.09 -31.14
N ALA A 15 -1.71 22.14 -31.91
CA ALA A 15 -1.91 23.47 -31.35
C ALA A 15 -3.14 23.49 -30.44
N ALA A 16 -4.17 22.74 -30.80
CA ALA A 16 -5.36 22.66 -29.96
C ALA A 16 -5.01 22.04 -28.61
N PHE A 17 -4.18 21.01 -28.62
CA PHE A 17 -3.78 20.40 -27.35
C PHE A 17 -2.95 21.40 -26.55
N ASP A 18 -2.04 22.11 -27.21
CA ASP A 18 -1.25 23.13 -26.52
C ASP A 18 -2.15 24.21 -25.89
N THR A 19 -3.23 24.56 -26.58
CA THR A 19 -4.18 25.54 -26.07
C THR A 19 -4.85 25.03 -24.80
N LEU A 20 -5.30 23.77 -24.84
CA LEU A 20 -5.85 23.14 -23.65
C LEU A 20 -4.83 23.16 -22.51
N MET A 21 -3.60 22.77 -22.80
CA MET A 21 -2.56 22.74 -21.77
C MET A 21 -2.27 24.13 -21.18
N SER A 22 -2.42 25.18 -21.99
CA SER A 22 -2.11 26.52 -21.52
C SER A 22 -3.04 26.95 -20.38
N THR A 23 -4.25 26.40 -20.35
CA THR A 23 -5.21 26.74 -19.30
C THR A 23 -4.71 26.24 -17.94
N ALA A 24 -3.79 25.26 -17.97
CA ALA A 24 -3.17 24.71 -16.78
C ALA A 24 -1.79 25.31 -16.52
N GLY A 25 -1.38 26.27 -17.34
CA GLY A 25 -0.05 26.84 -17.25
C GLY A 25 1.04 25.86 -17.67
N VAL A 26 0.67 24.90 -18.51
CA VAL A 26 1.60 23.89 -18.97
C VAL A 26 2.04 24.22 -20.40
N ASP A 27 3.33 24.50 -20.56
CA ASP A 27 3.89 24.80 -21.87
C ASP A 27 4.32 23.51 -22.55
N SER A 28 3.35 22.79 -23.10
CA SER A 28 3.55 21.44 -23.61
C SER A 28 4.38 21.36 -24.90
N GLN A 29 4.31 22.39 -25.74
CA GLN A 29 5.13 22.45 -26.96
C GLN A 29 4.90 21.27 -27.89
N ILE A 30 3.65 20.82 -27.96
CA ILE A 30 3.32 19.68 -28.81
C ILE A 30 3.34 20.05 -30.29
N ALA A 31 2.88 21.26 -30.62
CA ALA A 31 2.93 21.71 -32.01
C ALA A 31 4.37 21.67 -32.51
N ALA A 32 5.30 22.10 -31.66
CA ALA A 32 6.73 22.08 -32.02
C ALA A 32 7.25 20.66 -32.17
N LEU A 33 6.85 19.76 -31.27
CA LEU A 33 7.24 18.36 -31.37
C LEU A 33 6.73 17.77 -32.69
N ALA A 34 5.47 18.02 -33.00
CA ALA A 34 4.89 17.56 -34.26
C ALA A 34 5.63 18.15 -35.46
N ALA A 35 6.00 19.43 -35.36
CA ALA A 35 6.68 20.12 -36.46
C ALA A 35 8.01 19.44 -36.79
N SER A 36 8.64 18.85 -35.77
CA SER A 36 9.91 18.12 -35.94
C SER A 36 9.68 16.70 -36.47
N GLU A 37 8.43 16.37 -36.74
CA GLU A 37 8.03 15.06 -37.24
C GLU A 37 8.40 13.93 -36.29
N ALA A 38 8.18 14.16 -35.00
CA ALA A 38 8.36 13.10 -34.03
C ALA A 38 7.45 11.92 -34.34
N ASP A 39 7.85 10.73 -33.94
CA ASP A 39 6.99 9.58 -34.20
C ASP A 39 5.77 9.58 -33.27
N ALA A 40 4.77 8.77 -33.62
CA ALA A 40 3.52 8.73 -32.86
C ALA A 40 3.70 8.33 -31.40
N GLY A 41 4.61 7.40 -31.13
CA GLY A 41 4.85 6.96 -29.76
C GLY A 41 5.41 8.10 -28.92
N THR A 42 6.33 8.87 -29.53
CA THR A 42 6.92 10.03 -28.87
C THR A 42 5.85 11.07 -28.53
N LEU A 43 4.98 11.34 -29.49
CA LEU A 43 3.88 12.25 -29.27
C LEU A 43 2.96 11.75 -28.16
N ASP A 44 2.59 10.47 -28.21
CA ASP A 44 1.72 9.94 -27.17
C ASP A 44 2.32 10.11 -25.78
N ALA A 45 3.63 9.86 -25.64
CA ALA A 45 4.27 10.02 -24.35
C ALA A 45 4.26 11.47 -23.89
N ALA A 46 4.57 12.38 -24.79
CA ALA A 46 4.58 13.80 -24.45
C ALA A 46 3.17 14.29 -24.11
N LEU A 47 2.17 13.87 -24.88
CA LEU A 47 0.79 14.25 -24.61
C LEU A 47 0.37 13.78 -23.23
N THR A 48 0.73 12.54 -22.93
CA THR A 48 0.37 11.94 -21.66
C THR A 48 1.04 12.62 -20.47
N GLN A 49 2.33 12.90 -20.57
CA GLN A 49 3.05 13.57 -19.50
C GLN A 49 2.44 14.95 -19.27
N SER A 50 2.13 15.65 -20.36
CA SER A 50 1.57 16.99 -20.25
C SER A 50 0.20 16.96 -19.59
N LEU A 51 -0.64 16.03 -20.00
CA LEU A 51 -1.97 15.90 -19.43
C LEU A 51 -1.88 15.60 -17.93
N GLN A 52 -0.94 14.75 -17.53
CA GLN A 52 -0.77 14.42 -16.12
C GLN A 52 -0.37 15.66 -15.32
N GLU A 53 0.49 16.50 -15.88
CA GLU A 53 0.83 17.77 -15.24
C GLU A 53 -0.39 18.69 -15.16
N ALA A 54 -1.15 18.78 -16.25
CA ALA A 54 -2.35 19.61 -16.28
C ALA A 54 -3.37 19.21 -15.21
N GLN A 55 -3.53 17.90 -15.01
CA GLN A 55 -4.47 17.41 -14.01
C GLN A 55 -4.14 17.93 -12.61
N GLY A 56 -2.85 18.09 -12.32
CA GLY A 56 -2.42 18.63 -11.04
C GLY A 56 -2.73 20.12 -10.89
N ARG A 57 -2.80 20.83 -12.01
CA ARG A 57 -3.04 22.27 -12.01
C ARG A 57 -4.51 22.62 -12.04
N TRP A 58 -5.32 21.82 -12.71
CA TRP A 58 -6.72 22.16 -12.90
C TRP A 58 -7.53 21.96 -11.63
N GLY A 59 -7.04 21.15 -10.70
CA GLY A 59 -7.73 20.92 -9.45
C GLY A 59 -9.02 20.14 -9.58
N LEU A 60 -9.08 19.22 -10.53
CA LEU A 60 -10.30 18.44 -10.73
C LEU A 60 -10.49 17.37 -9.66
N GLY A 61 -9.40 16.98 -9.00
CA GLY A 61 -9.45 16.01 -7.91
C GLY A 61 -9.51 14.56 -8.39
N LEU A 62 -8.77 14.25 -9.45
CA LEU A 62 -8.80 12.93 -10.07
C LEU A 62 -7.42 12.26 -10.00
N HIS A 63 -6.69 12.50 -8.91
CA HIS A 63 -5.38 11.87 -8.74
C HIS A 63 -5.43 10.35 -8.71
N HIS A 64 -6.59 9.79 -8.36
CA HIS A 64 -6.74 8.35 -8.20
C HIS A 64 -6.95 7.64 -9.53
N LEU A 65 -7.08 8.40 -10.60
CA LEU A 65 -7.32 7.85 -11.94
C LEU A 65 -6.08 8.01 -12.80
N ARG A 66 -5.91 7.09 -13.74
CA ARG A 66 -4.82 7.18 -14.71
C ARG A 66 -5.23 8.06 -15.88
N HIS A 67 -4.43 9.08 -16.16
CA HIS A 67 -4.72 10.01 -17.24
C HIS A 67 -3.75 9.83 -18.38
N GLU A 68 -4.29 9.63 -19.58
CA GLU A 68 -3.46 9.48 -20.76
C GLU A 68 -4.05 10.25 -21.93
N ALA A 69 -3.20 10.59 -22.90
CA ALA A 69 -3.65 11.26 -24.13
C ALA A 69 -2.87 10.67 -25.30
N ARG A 70 -3.58 10.40 -26.40
CA ARG A 70 -2.99 9.67 -27.52
C ARG A 70 -3.57 10.12 -28.83
N LEU A 71 -2.76 10.02 -29.88
CA LEU A 71 -3.26 10.26 -31.24
C LEU A 71 -4.28 9.21 -31.60
N THR A 72 -5.33 9.61 -32.31
CA THR A 72 -6.26 8.67 -32.91
C THR A 72 -5.91 8.47 -34.38
N ASP A 73 -6.47 7.42 -34.98
CA ASP A 73 -6.19 7.14 -36.39
C ASP A 73 -6.84 8.12 -37.34
N ASP A 74 -7.74 8.95 -36.83
CA ASP A 74 -8.44 9.90 -37.69
C ASP A 74 -8.12 11.36 -37.38
N GLY A 75 -6.94 11.61 -36.83
CA GLY A 75 -6.40 12.95 -36.75
C GLY A 75 -6.75 13.73 -35.49
N ASP A 76 -7.31 13.04 -34.51
CA ASP A 76 -7.73 13.67 -33.25
C ASP A 76 -6.75 13.28 -32.15
N ILE A 77 -6.99 13.79 -30.95
CA ILE A 77 -6.27 13.34 -29.76
C ILE A 77 -7.32 12.91 -28.77
N GLU A 78 -7.21 11.66 -28.31
CA GLU A 78 -8.18 11.13 -27.37
C GLU A 78 -7.64 11.23 -25.95
N ILE A 79 -8.48 11.70 -25.05
CA ILE A 79 -8.17 11.77 -23.63
C ILE A 79 -8.75 10.53 -22.96
N LEU A 80 -7.88 9.77 -22.30
CA LEU A 80 -8.28 8.53 -21.66
C LEU A 80 -8.27 8.70 -20.15
N THR A 81 -9.23 8.05 -19.49
CA THR A 81 -9.25 8.01 -18.03
C THR A 81 -9.41 6.56 -17.61
N ASP A 82 -8.42 6.04 -16.89
CA ASP A 82 -8.39 4.61 -16.56
C ASP A 82 -8.58 3.72 -17.78
N GLY A 83 -8.01 4.14 -18.92
CA GLY A 83 -8.01 3.35 -20.14
C GLY A 83 -9.24 3.54 -21.01
N ARG A 84 -10.22 4.25 -20.51
CA ARG A 84 -11.47 4.44 -21.22
C ARG A 84 -11.49 5.80 -21.91
N PRO A 85 -11.89 5.83 -23.19
CA PRO A 85 -11.98 7.13 -23.87
C PRO A 85 -12.99 8.02 -23.16
N SER A 86 -12.57 9.23 -22.80
CA SER A 86 -13.43 10.18 -22.11
C SER A 86 -13.89 11.29 -23.04
N ALA A 87 -12.97 11.81 -23.84
CA ALA A 87 -13.28 12.92 -24.74
C ALA A 87 -12.21 13.02 -25.80
N ARG A 88 -12.52 13.76 -26.86
CA ARG A 88 -11.53 14.04 -27.88
C ARG A 88 -11.25 15.52 -27.89
N VAL A 89 -9.99 15.89 -28.09
CA VAL A 89 -9.56 17.28 -28.04
C VAL A 89 -10.35 18.13 -29.03
N SER A 90 -10.65 17.59 -30.21
CA SER A 90 -11.41 18.35 -31.22
C SER A 90 -12.80 18.80 -30.72
N GLU A 91 -13.32 18.13 -29.69
CA GLU A 91 -14.67 18.39 -29.19
C GLU A 91 -14.74 19.60 -28.25
N GLY A 92 -13.59 20.06 -27.78
CA GLY A 92 -13.52 21.30 -27.03
C GLY A 92 -13.60 21.19 -25.51
N PHE A 93 -13.43 22.31 -24.84
CA PHE A 93 -13.40 22.35 -23.38
C PHE A 93 -14.71 21.86 -22.76
N GLY A 94 -15.84 22.26 -23.34
CA GLY A 94 -17.13 21.90 -22.76
C GLY A 94 -17.31 20.40 -22.68
N ALA A 95 -16.96 19.71 -23.76
CA ALA A 95 -17.09 18.26 -23.80
C ALA A 95 -16.17 17.58 -22.80
N LEU A 96 -14.94 18.12 -22.66
CA LEU A 96 -13.99 17.57 -21.71
C LEU A 96 -14.47 17.72 -20.27
N ALA A 97 -14.96 18.91 -19.93
CA ALA A 97 -15.46 19.14 -18.58
C ALA A 97 -16.67 18.26 -18.29
N GLN A 98 -17.54 18.08 -19.28
CA GLN A 98 -18.70 17.22 -19.12
C GLN A 98 -18.31 15.78 -18.89
N ALA A 99 -17.22 15.35 -19.52
CA ALA A 99 -16.73 13.99 -19.33
C ALA A 99 -16.17 13.78 -17.92
N TYR A 100 -15.44 14.77 -17.42
CA TYR A 100 -14.85 14.66 -16.08
C TYR A 100 -15.84 14.86 -14.94
N ALA A 101 -16.89 15.67 -15.18
CA ALA A 101 -17.82 16.03 -14.11
C ALA A 101 -18.40 14.86 -13.29
N PRO A 102 -18.89 13.79 -13.97
CA PRO A 102 -19.44 12.70 -13.16
C PRO A 102 -18.39 11.91 -12.38
N MET A 103 -17.11 12.13 -12.69
CA MET A 103 -16.04 11.48 -11.94
C MET A 103 -15.66 12.23 -10.69
N GLN A 104 -16.06 13.50 -10.61
CA GLN A 104 -15.62 14.38 -9.53
C GLN A 104 -16.52 14.34 -8.32
N ALA A 105 -15.96 14.73 -7.18
CA ALA A 105 -16.70 14.84 -5.93
C ALA A 105 -16.12 16.04 -5.21
N LEU A 106 -16.82 17.18 -5.23
CA LEU A 106 -16.28 18.43 -4.72
C LEU A 106 -17.03 18.89 -3.48
N ASP A 107 -16.31 19.44 -2.51
CA ASP A 107 -16.95 19.96 -1.30
C ASP A 107 -17.46 21.39 -1.46
N GLU A 108 -17.91 22.00 -0.36
CA GLU A 108 -18.49 23.35 -0.40
C GLU A 108 -17.48 24.40 -0.85
N ARG A 109 -16.19 24.07 -0.74
CA ARG A 109 -15.10 24.97 -1.07
C ARG A 109 -14.62 24.78 -2.51
N GLY A 110 -15.07 23.71 -3.15
CA GLY A 110 -14.60 23.37 -4.47
C GLY A 110 -13.38 22.45 -4.44
N LEU A 111 -13.05 21.96 -3.25
CA LEU A 111 -11.94 21.02 -3.06
C LEU A 111 -12.41 19.59 -3.24
N SER A 112 -11.58 18.75 -3.82
CA SER A 112 -11.97 17.36 -4.04
C SER A 112 -12.14 16.60 -2.75
N GLN A 113 -13.16 15.75 -2.71
CA GLN A 113 -13.44 14.90 -1.56
C GLN A 113 -12.82 13.50 -1.73
N TRP A 114 -12.30 13.18 -2.93
CA TRP A 114 -11.64 11.89 -3.13
C TRP A 114 -10.27 11.87 -2.50
N ALA A 115 -9.88 10.72 -1.98
CA ALA A 115 -8.51 10.47 -1.62
C ALA A 115 -7.66 10.35 -2.88
N ALA A 116 -6.40 10.79 -2.81
CA ALA A 116 -5.49 10.61 -3.94
C ALA A 116 -5.11 9.14 -4.13
N LEU A 117 -5.03 8.39 -3.04
CA LEU A 117 -4.60 7.00 -3.11
C LEU A 117 -5.75 6.03 -3.33
N GLY A 118 -6.97 6.54 -3.34
CA GLY A 118 -8.13 5.66 -3.42
C GLY A 118 -8.56 5.19 -2.03
N GLU A 119 -9.39 4.15 -1.99
CA GLU A 119 -9.96 3.67 -0.72
C GLU A 119 -8.87 3.40 0.31
N GLY A 120 -9.14 3.77 1.56
CA GLY A 120 -8.21 3.51 2.63
C GLY A 120 -8.06 4.65 3.62
N TYR A 121 -7.18 4.45 4.58
CA TYR A 121 -7.01 5.41 5.64
C TYR A 121 -6.33 6.70 5.20
N ARG A 122 -6.92 7.83 5.61
CA ARG A 122 -6.32 9.13 5.41
C ARG A 122 -6.15 9.82 6.75
N ALA A 123 -4.97 10.36 7.01
CA ALA A 123 -4.71 11.07 8.25
C ALA A 123 -5.47 12.40 8.26
N PRO A 124 -5.79 12.92 9.44
CA PRO A 124 -6.47 14.21 9.53
C PRO A 124 -5.67 15.30 8.85
N GLY A 125 -6.37 16.25 8.23
CA GLY A 125 -5.70 17.33 7.53
C GLY A 125 -4.74 18.12 8.41
N ASP A 126 -5.14 18.34 9.66
CA ASP A 126 -4.35 19.14 10.58
C ASP A 126 -3.40 18.31 11.46
N LEU A 127 -3.01 17.14 10.96
CA LEU A 127 -1.97 16.38 11.63
C LEU A 127 -0.78 17.29 11.93
N PRO A 128 -0.26 17.24 13.17
CA PRO A 128 0.91 18.08 13.48
C PRO A 128 2.08 17.79 12.54
N LEU A 129 2.76 18.85 12.13
CA LEU A 129 3.93 18.73 11.26
C LEU A 129 4.92 17.65 11.75
N ALA A 130 5.21 17.65 13.05
CA ALA A 130 6.20 16.71 13.56
C ALA A 130 5.78 15.26 13.35
N GLN A 131 4.47 15.03 13.39
CA GLN A 131 3.94 13.69 13.16
C GLN A 131 3.87 13.34 11.68
N LEU A 132 3.49 14.31 10.84
CA LEU A 132 3.63 14.12 9.39
C LEU A 132 5.06 13.70 9.03
N LYS A 133 6.05 14.32 9.66
CA LYS A 133 7.44 13.97 9.39
C LYS A 133 7.75 12.49 9.63
N VAL A 134 7.13 11.91 10.66
CA VAL A 134 7.29 10.49 10.93
C VAL A 134 6.73 9.64 9.79
N LEU A 135 5.56 10.00 9.28
CA LEU A 135 5.03 9.31 8.12
C LEU A 135 5.95 9.42 6.93
N ILE A 136 6.46 10.62 6.67
CA ILE A 136 7.35 10.80 5.53
C ILE A 136 8.59 9.92 5.69
N GLU A 137 9.17 9.89 6.88
CA GLU A 137 10.39 9.13 7.10
C GLU A 137 10.17 7.62 7.13
N HIS A 138 9.05 7.16 7.71
CA HIS A 138 8.95 5.75 8.10
C HIS A 138 7.75 4.94 7.61
N ALA A 139 6.75 5.59 7.02
CA ALA A 139 5.60 4.84 6.50
C ALA A 139 5.90 4.32 5.11
N ARG A 140 4.95 3.61 4.52
CA ARG A 140 4.99 3.33 3.09
C ARG A 140 4.08 4.38 2.45
N ASP A 141 3.06 3.99 1.69
CA ASP A 141 2.13 4.98 1.15
C ASP A 141 1.32 5.57 2.30
N PHE A 142 0.96 6.86 2.17
CA PHE A 142 0.16 7.52 3.20
C PHE A 142 -0.47 8.76 2.57
N GLU A 143 -1.46 9.32 3.24
CA GLU A 143 -2.15 10.50 2.72
C GLU A 143 -2.80 11.29 3.84
N THR A 144 -2.80 12.62 3.71
CA THR A 144 -3.57 13.48 4.60
C THR A 144 -4.75 14.08 3.87
N ASP A 145 -5.79 14.43 4.63
CA ASP A 145 -6.88 15.23 4.10
C ASP A 145 -6.42 16.69 3.98
N TRP A 146 -7.31 17.54 3.49
CA TRP A 146 -7.02 18.95 3.34
C TRP A 146 -6.89 19.67 4.67
N SER A 147 -5.98 20.64 4.72
CA SER A 147 -5.93 21.60 5.81
C SER A 147 -5.83 23.02 5.26
N ALA A 148 -6.26 24.00 6.04
CA ALA A 148 -6.15 25.40 5.62
C ALA A 148 -4.73 25.94 5.67
N GLY A 149 -4.35 26.69 4.65
CA GLY A 149 -3.06 27.35 4.59
C GLY A 149 -3.21 28.85 4.51
N ARG A 150 -2.10 29.55 4.30
CA ARG A 150 -2.11 31.00 4.23
C ARG A 150 -2.80 31.52 2.97
N GLY A 151 -3.49 32.64 3.11
CA GLY A 151 -4.07 33.33 1.96
C GLY A 151 -5.18 32.58 1.27
N GLU A 152 -6.06 31.94 2.05
CA GLU A 152 -7.24 31.32 1.50
C GLU A 152 -6.92 30.04 0.72
N THR A 153 -5.72 29.52 0.93
CA THR A 153 -5.33 28.26 0.27
C THR A 153 -5.57 27.07 1.19
N PHE A 154 -5.46 25.88 0.61
CA PHE A 154 -5.59 24.61 1.31
C PHE A 154 -4.51 23.68 0.82
N GLN A 155 -4.04 22.77 1.66
CA GLN A 155 -2.95 21.89 1.25
C GLN A 155 -3.20 20.48 1.73
N ARG A 156 -2.58 19.52 1.03
CA ARG A 156 -2.57 18.13 1.47
C ARG A 156 -1.33 17.47 0.87
N VAL A 157 -1.04 16.27 1.35
CA VAL A 157 0.15 15.56 0.90
C VAL A 157 -0.13 14.06 0.85
N TRP A 158 0.45 13.37 -0.12
CA TRP A 158 0.37 11.92 -0.15
C TRP A 158 1.64 11.36 -0.78
N ARG A 159 1.92 10.10 -0.50
CA ARG A 159 3.00 9.41 -1.17
C ARG A 159 2.48 8.13 -1.78
N LYS A 160 2.78 7.93 -3.05
CA LYS A 160 2.49 6.65 -3.70
C LYS A 160 3.81 6.11 -4.23
N GLY A 161 4.24 4.98 -3.70
CA GLY A 161 5.52 4.42 -4.10
C GLY A 161 6.67 5.36 -3.77
N ASP A 162 7.48 5.69 -4.77
CA ASP A 162 8.65 6.54 -4.50
C ASP A 162 8.45 8.00 -4.93
N THR A 163 7.19 8.44 -5.01
CA THR A 163 6.92 9.85 -5.25
C THR A 163 6.01 10.45 -4.18
N LEU A 164 6.48 11.55 -3.59
CA LEU A 164 5.73 12.30 -2.60
C LEU A 164 5.14 13.52 -3.33
N PHE A 165 3.85 13.75 -3.13
CA PHE A 165 3.11 14.82 -3.79
C PHE A 165 2.61 15.81 -2.75
N VAL A 166 2.91 17.09 -2.95
CA VAL A 166 2.45 18.14 -2.05
C VAL A 166 1.57 19.07 -2.88
N GLU A 167 0.28 19.14 -2.53
CA GLU A 167 -0.70 19.92 -3.29
C GLU A 167 -1.12 21.15 -2.48
N VAL A 168 -1.06 22.31 -3.12
CA VAL A 168 -1.66 23.53 -2.59
C VAL A 168 -2.72 23.96 -3.58
N ALA A 169 -3.92 24.27 -3.07
CA ALA A 169 -5.06 24.58 -3.92
C ALA A 169 -5.79 25.81 -3.44
N ARG A 170 -6.36 26.55 -4.40
CA ARG A 170 -7.31 27.61 -4.08
C ARG A 170 -8.31 27.68 -5.22
N PRO A 171 -9.47 27.04 -5.06
CA PRO A 171 -10.48 27.00 -6.12
C PRO A 171 -10.77 28.39 -6.66
N ALA A 172 -10.87 28.51 -7.98
CA ALA A 172 -11.00 29.80 -8.65
C ALA A 172 -12.40 30.37 -8.48
N LEU A 226 -17.72 30.65 -11.90
CA LEU A 226 -17.17 30.39 -13.23
C LEU A 226 -17.96 29.29 -13.94
N PRO A 227 -18.05 29.39 -15.28
CA PRO A 227 -18.79 28.38 -16.04
C PRO A 227 -18.18 27.00 -15.85
N GLU A 228 -19.03 25.97 -15.94
CA GLU A 228 -18.58 24.60 -15.70
C GLU A 228 -17.56 24.13 -16.74
N ALA A 229 -17.58 24.73 -17.93
CA ALA A 229 -16.65 24.34 -18.98
C ALA A 229 -15.31 25.04 -18.85
N HIS A 230 -15.19 25.93 -17.86
CA HIS A 230 -13.97 26.69 -17.70
C HIS A 230 -12.85 25.88 -17.05
N PHE A 231 -11.67 25.92 -17.67
CA PHE A 231 -10.45 25.34 -17.12
C PHE A 231 -9.47 26.45 -16.75
N THR A 232 -8.89 26.36 -15.56
CA THR A 232 -7.91 27.35 -15.13
C THR A 232 -7.03 26.73 -14.03
N VAL A 233 -5.98 27.43 -13.63
CA VAL A 233 -5.11 26.92 -12.59
C VAL A 233 -5.77 27.12 -11.23
N GLN A 234 -6.09 26.00 -10.58
CA GLN A 234 -6.71 26.00 -9.25
C GLN A 234 -5.79 25.42 -8.20
N ALA A 235 -4.67 24.84 -8.63
CA ALA A 235 -3.78 24.16 -7.71
C ALA A 235 -2.40 24.02 -8.29
N PHE A 236 -1.44 23.71 -7.44
CA PHE A 236 -0.10 23.37 -7.88
C PHE A 236 0.36 22.18 -7.06
N VAL A 237 0.94 21.19 -7.75
CA VAL A 237 1.46 19.99 -7.10
C VAL A 237 2.96 19.92 -7.33
N GLN A 238 3.72 20.04 -6.24
CA GLN A 238 5.16 19.85 -6.29
C GLN A 238 5.48 18.41 -5.91
N THR A 239 6.32 17.73 -6.69
CA THR A 239 6.70 16.36 -6.38
C THR A 239 8.15 16.22 -5.95
N LEU A 240 8.38 15.18 -5.16
CA LEU A 240 9.71 14.78 -4.73
C LEU A 240 9.81 13.29 -4.97
N SER A 241 10.87 12.86 -5.66
CA SER A 241 10.98 11.45 -6.03
C SER A 241 12.22 10.76 -5.45
N GLY A 242 12.16 9.43 -5.39
CA GLY A 242 13.29 8.66 -4.89
C GLY A 242 13.61 9.02 -3.46
N ALA A 243 14.89 9.18 -3.15
CA ALA A 243 15.28 9.51 -1.78
C ALA A 243 14.66 10.82 -1.29
N ALA A 244 14.36 11.74 -2.21
CA ALA A 244 13.73 13.00 -1.84
C ALA A 244 12.32 12.80 -1.26
N ALA A 245 11.66 11.70 -1.65
CA ALA A 245 10.31 11.39 -1.18
C ALA A 245 10.26 10.96 0.27
N ARG A 246 11.41 10.70 0.87
CA ARG A 246 11.47 10.20 2.25
C ARG A 246 12.22 11.16 3.18
N ASN A 247 12.49 12.37 2.70
CA ASN A 247 13.19 13.39 3.47
C ASN A 247 12.19 14.34 4.11
N ALA A 248 11.95 14.18 5.40
CA ALA A 248 10.91 14.94 6.08
C ALA A 248 11.10 16.45 6.03
N GLU A 249 12.35 16.91 5.89
CA GLU A 249 12.59 18.35 5.84
C GLU A 249 12.13 18.96 4.52
N GLU A 250 11.84 18.10 3.55
CA GLU A 250 11.41 18.55 2.23
C GLU A 250 9.97 19.06 2.20
N TYR A 251 9.15 18.62 3.15
CA TYR A 251 7.74 18.96 3.10
C TYR A 251 7.50 20.47 3.13
N ARG A 252 8.07 21.16 4.11
CA ARG A 252 7.85 22.59 4.24
C ARG A 252 8.34 23.32 3.00
N ALA A 253 9.48 22.88 2.47
CA ALA A 253 10.03 23.48 1.26
C ALA A 253 9.12 23.28 0.07
N ALA A 254 8.61 22.06 -0.11
CA ALA A 254 7.70 21.80 -1.23
C ALA A 254 6.39 22.58 -1.10
N LEU A 255 5.88 22.69 0.12
CA LEU A 255 4.69 23.48 0.39
C LEU A 255 4.91 24.92 -0.04
N LYS A 256 6.05 25.48 0.33
CA LYS A 256 6.36 26.87 0.00
C LYS A 256 6.46 27.04 -1.51
N THR A 257 7.10 26.09 -2.18
CA THR A 257 7.19 26.14 -3.63
C THR A 257 5.81 26.14 -4.27
N ALA A 258 4.95 25.21 -3.86
CA ALA A 258 3.63 25.09 -4.46
C ALA A 258 2.78 26.33 -4.21
N ALA A 259 2.85 26.84 -2.98
CA ALA A 259 2.05 28.01 -2.63
C ALA A 259 2.51 29.24 -3.42
N ALA A 260 3.83 29.39 -3.57
CA ALA A 260 4.38 30.53 -4.27
C ALA A 260 4.01 30.49 -5.75
N ALA A 261 4.05 29.31 -6.33
CA ALA A 261 3.68 29.14 -7.73
C ALA A 261 2.18 29.41 -7.96
N LEU A 262 1.35 28.87 -7.08
CA LEU A 262 -0.09 29.08 -7.20
C LEU A 262 -0.42 30.57 -7.15
N GLU A 263 0.26 31.29 -6.26
CA GLU A 263 0.01 32.72 -6.16
C GLU A 263 0.35 33.45 -7.47
N GLU A 264 1.41 33.03 -8.14
CA GLU A 264 1.79 33.66 -9.39
C GLU A 264 0.72 33.46 -10.45
N TYR A 265 0.14 32.26 -10.52
CA TYR A 265 -0.87 31.97 -11.53
C TYR A 265 -2.15 32.76 -11.30
N GLN A 266 -2.52 32.93 -10.04
CA GLN A 266 -3.81 33.53 -9.70
C GLN A 266 -3.69 35.02 -9.41
N GLY B 12 -6.27 -41.26 10.06
CA GLY B 12 -5.00 -41.36 9.36
C GLY B 12 -4.38 -40.00 9.05
N ILE B 13 -4.72 -39.44 7.89
CA ILE B 13 -4.09 -38.20 7.45
C ILE B 13 -4.53 -37.02 8.32
N TYR B 14 -5.74 -37.09 8.88
CA TYR B 14 -6.23 -36.01 9.72
C TYR B 14 -5.44 -35.96 11.03
N ALA B 15 -5.23 -37.13 11.63
CA ALA B 15 -4.39 -37.22 12.82
C ALA B 15 -2.95 -36.78 12.51
N ALA B 16 -2.45 -37.12 11.33
CA ALA B 16 -1.11 -36.69 10.93
C ALA B 16 -1.03 -35.17 10.87
N PHE B 17 -2.09 -34.53 10.37
CA PHE B 17 -2.11 -33.08 10.33
C PHE B 17 -2.13 -32.50 11.76
N ASP B 18 -2.97 -33.07 12.62
CA ASP B 18 -3.04 -32.65 14.02
C ASP B 18 -1.67 -32.75 14.70
N THR B 19 -0.93 -33.80 14.39
CA THR B 19 0.41 -33.99 14.97
C THR B 19 1.36 -32.91 14.49
N LEU B 20 1.29 -32.59 13.20
CA LEU B 20 2.09 -31.49 12.66
C LEU B 20 1.73 -30.18 13.36
N MET B 21 0.43 -29.92 13.51
CA MET B 21 -0.01 -28.70 14.16
C MET B 21 0.44 -28.60 15.61
N SER B 22 0.55 -29.75 16.27
CA SER B 22 0.90 -29.76 17.69
C SER B 22 2.31 -29.22 17.92
N THR B 23 3.19 -29.36 16.92
CA THR B 23 4.55 -28.80 17.04
C THR B 23 4.55 -27.28 17.11
N ALA B 24 3.45 -26.67 16.64
CA ALA B 24 3.28 -25.22 16.69
C ALA B 24 2.40 -24.81 17.86
N GLY B 25 2.00 -25.77 18.68
CA GLY B 25 1.08 -25.47 19.77
C GLY B 25 -0.33 -25.14 19.31
N VAL B 26 -0.67 -25.63 18.11
CA VAL B 26 -1.99 -25.40 17.51
C VAL B 26 -2.88 -26.62 17.67
N ASP B 27 -3.96 -26.46 18.44
CA ASP B 27 -4.88 -27.57 18.69
C ASP B 27 -5.94 -27.58 17.60
N SER B 28 -5.58 -28.12 16.44
CA SER B 28 -6.40 -28.04 15.23
C SER B 28 -7.67 -28.90 15.27
N GLN B 29 -7.62 -30.05 15.95
CA GLN B 29 -8.81 -30.89 16.09
C GLN B 29 -9.39 -31.33 14.73
N ILE B 30 -8.52 -31.60 13.77
CA ILE B 30 -9.00 -31.98 12.45
C ILE B 30 -9.55 -33.41 12.44
N ALA B 31 -8.93 -34.30 13.21
CA ALA B 31 -9.44 -35.66 13.30
C ALA B 31 -10.88 -35.66 13.80
N ALA B 32 -11.16 -34.87 14.83
CA ALA B 32 -12.51 -34.77 15.37
C ALA B 32 -13.46 -34.16 14.35
N LEU B 33 -12.99 -33.15 13.64
CA LEU B 33 -13.82 -32.48 12.65
C LEU B 33 -14.21 -33.46 11.53
N ALA B 34 -13.24 -34.23 11.04
CA ALA B 34 -13.53 -35.23 10.01
C ALA B 34 -14.51 -36.28 10.56
N ALA B 35 -14.29 -36.70 11.80
CA ALA B 35 -15.15 -37.70 12.43
C ALA B 35 -16.60 -37.25 12.56
N SER B 36 -16.80 -35.93 12.62
CA SER B 36 -18.13 -35.35 12.74
C SER B 36 -18.82 -35.30 11.38
N GLU B 37 -18.15 -35.81 10.36
CA GLU B 37 -18.70 -35.90 9.02
C GLU B 37 -18.76 -34.53 8.31
N ALA B 38 -17.84 -33.65 8.65
CA ALA B 38 -17.71 -32.37 7.96
C ALA B 38 -17.44 -32.59 6.47
N ASP B 39 -17.94 -31.68 5.64
CA ASP B 39 -17.67 -31.79 4.21
C ASP B 39 -16.25 -31.30 3.90
N ALA B 40 -15.83 -31.50 2.66
CA ALA B 40 -14.45 -31.18 2.29
C ALA B 40 -14.17 -29.68 2.41
N GLY B 41 -15.18 -28.86 2.18
CA GLY B 41 -14.99 -27.42 2.25
C GLY B 41 -14.71 -26.96 3.66
N THR B 42 -15.43 -27.53 4.61
CA THR B 42 -15.24 -27.21 6.02
C THR B 42 -13.87 -27.67 6.50
N LEU B 43 -13.46 -28.85 6.06
CA LEU B 43 -12.15 -29.36 6.39
C LEU B 43 -11.06 -28.48 5.81
N ASP B 44 -11.18 -28.13 4.52
CA ASP B 44 -10.16 -27.31 3.89
C ASP B 44 -10.00 -25.96 4.61
N ALA B 45 -11.11 -25.34 4.99
CA ALA B 45 -11.05 -24.05 5.66
C ALA B 45 -10.34 -24.19 7.02
N ALA B 46 -10.65 -25.29 7.72
CA ALA B 46 -10.03 -25.54 9.02
C ALA B 46 -8.54 -25.84 8.87
N LEU B 47 -8.19 -26.65 7.88
CA LEU B 47 -6.80 -26.97 7.62
C LEU B 47 -6.02 -25.70 7.34
N THR B 48 -6.61 -24.84 6.51
CA THR B 48 -5.94 -23.61 6.14
C THR B 48 -5.76 -22.64 7.32
N GLN B 49 -6.81 -22.47 8.12
CA GLN B 49 -6.75 -21.57 9.26
C GLN B 49 -5.68 -22.08 10.22
N SER B 50 -5.63 -23.39 10.43
CA SER B 50 -4.65 -23.97 11.36
C SER B 50 -3.23 -23.79 10.84
N LEU B 51 -3.03 -24.07 9.55
CA LEU B 51 -1.71 -23.89 8.96
C LEU B 51 -1.23 -22.45 9.06
N GLN B 52 -2.12 -21.49 8.81
CA GLN B 52 -1.74 -20.09 8.94
C GLN B 52 -1.32 -19.74 10.38
N GLU B 53 -2.05 -20.24 11.38
CA GLU B 53 -1.64 -20.07 12.77
C GLU B 53 -0.27 -20.69 13.03
N ALA B 54 -0.08 -21.92 12.55
CA ALA B 54 1.17 -22.62 12.75
C ALA B 54 2.35 -21.86 12.14
N GLN B 55 2.16 -21.27 10.96
CA GLN B 55 3.23 -20.50 10.33
C GLN B 55 3.72 -19.35 11.22
N GLY B 56 2.80 -18.73 11.94
CA GLY B 56 3.18 -17.71 12.90
C GLY B 56 3.99 -18.23 14.09
N ARG B 57 3.80 -19.50 14.41
CA ARG B 57 4.44 -20.11 15.59
C ARG B 57 5.81 -20.69 15.26
N TRP B 58 5.94 -21.26 14.06
CA TRP B 58 7.15 -22.00 13.71
C TRP B 58 8.35 -21.06 13.45
N GLY B 59 8.07 -19.80 13.15
CA GLY B 59 9.12 -18.82 12.90
C GLY B 59 9.90 -19.05 11.61
N LEU B 60 9.24 -19.58 10.60
CA LEU B 60 9.95 -19.83 9.34
C LEU B 60 10.21 -18.55 8.54
N GLY B 61 9.46 -17.49 8.82
CA GLY B 61 9.68 -16.22 8.15
C GLY B 61 9.04 -16.09 6.78
N LEU B 62 7.87 -16.68 6.61
CA LEU B 62 7.19 -16.70 5.32
C LEU B 62 5.84 -15.98 5.33
N HIS B 63 5.76 -14.88 6.09
CA HIS B 63 4.52 -14.10 6.17
C HIS B 63 4.11 -13.50 4.83
N HIS B 64 5.07 -13.35 3.92
CA HIS B 64 4.83 -12.71 2.63
C HIS B 64 4.20 -13.68 1.64
N LEU B 65 4.04 -14.93 2.03
CA LEU B 65 3.43 -15.94 1.18
C LEU B 65 2.07 -16.34 1.75
N ARG B 66 1.14 -16.72 0.87
CA ARG B 66 -0.14 -17.21 1.33
C ARG B 66 -0.04 -18.72 1.59
N HIS B 67 -0.40 -19.14 2.79
CA HIS B 67 -0.31 -20.55 3.20
C HIS B 67 -1.67 -21.21 3.19
N GLU B 68 -1.80 -22.31 2.48
CA GLU B 68 -3.08 -23.02 2.40
C GLU B 68 -2.85 -24.52 2.50
N ALA B 69 -3.89 -25.24 2.94
CA ALA B 69 -3.85 -26.70 2.97
C ALA B 69 -5.18 -27.21 2.45
N ARG B 70 -5.16 -28.32 1.73
CA ARG B 70 -6.39 -28.82 1.14
C ARG B 70 -6.34 -30.34 1.01
N LEU B 71 -7.49 -30.96 1.19
CA LEU B 71 -7.65 -32.40 0.98
C LEU B 71 -7.44 -32.75 -0.47
N THR B 72 -6.81 -33.91 -0.69
CA THR B 72 -6.62 -34.41 -2.05
C THR B 72 -7.41 -35.69 -2.29
N ASP B 73 -7.58 -35.99 -3.56
CA ASP B 73 -8.34 -37.15 -4.01
C ASP B 73 -7.78 -38.44 -3.41
N ASP B 74 -6.46 -38.47 -3.21
CA ASP B 74 -5.79 -39.70 -2.81
C ASP B 74 -5.60 -39.83 -1.30
N GLY B 75 -6.39 -39.10 -0.53
CA GLY B 75 -6.38 -39.23 0.92
C GLY B 75 -5.19 -38.53 1.57
N ASP B 76 -4.59 -37.58 0.87
CA ASP B 76 -3.49 -36.80 1.45
C ASP B 76 -3.98 -35.39 1.76
N ILE B 77 -3.08 -34.59 2.32
CA ILE B 77 -3.33 -33.17 2.50
C ILE B 77 -2.18 -32.43 1.83
N GLU B 78 -2.53 -31.57 0.87
CA GLU B 78 -1.53 -30.81 0.16
C GLU B 78 -1.31 -29.46 0.85
N ILE B 79 -0.05 -29.11 1.02
CA ILE B 79 0.35 -27.83 1.63
C ILE B 79 0.84 -26.92 0.52
N LEU B 80 0.27 -25.73 0.44
CA LEU B 80 0.60 -24.80 -0.63
C LEU B 80 1.21 -23.50 -0.13
N THR B 81 2.06 -22.90 -0.95
CA THR B 81 2.51 -21.53 -0.75
C THR B 81 2.24 -20.74 -2.01
N ASP B 82 1.59 -19.59 -1.88
CA ASP B 82 1.19 -18.78 -3.02
C ASP B 82 0.54 -19.62 -4.11
N GLY B 83 -0.30 -20.56 -3.70
CA GLY B 83 -1.05 -21.38 -4.64
C GLY B 83 -0.27 -22.51 -5.28
N ARG B 84 1.01 -22.59 -4.99
CA ARG B 84 1.85 -23.64 -5.55
C ARG B 84 1.91 -24.82 -4.58
N PRO B 85 1.60 -26.02 -5.06
CA PRO B 85 1.85 -27.20 -4.22
C PRO B 85 3.30 -27.20 -3.78
N SER B 86 3.53 -27.29 -2.47
CA SER B 86 4.88 -27.25 -1.93
C SER B 86 5.22 -28.54 -1.20
N ALA B 87 4.23 -29.16 -0.56
CA ALA B 87 4.47 -30.39 0.16
C ALA B 87 3.19 -31.19 0.39
N ARG B 88 3.36 -32.43 0.85
CA ARG B 88 2.27 -33.32 1.20
C ARG B 88 2.44 -33.82 2.64
N VAL B 89 1.38 -33.76 3.43
CA VAL B 89 1.47 -34.12 4.84
C VAL B 89 1.98 -35.56 5.02
N SER B 90 1.57 -36.47 4.13
CA SER B 90 1.96 -37.86 4.26
C SER B 90 3.48 -38.05 4.16
N GLU B 91 4.17 -37.06 3.62
CA GLU B 91 5.61 -37.20 3.41
C GLU B 91 6.47 -36.86 4.65
N GLY B 92 5.85 -36.28 5.67
CA GLY B 92 6.54 -36.10 6.95
C GLY B 92 7.24 -34.76 7.13
N PHE B 93 7.81 -34.57 8.32
CA PHE B 93 8.38 -33.28 8.70
C PHE B 93 9.61 -32.94 7.85
N GLY B 94 10.43 -33.93 7.56
CA GLY B 94 11.66 -33.69 6.83
C GLY B 94 11.36 -33.14 5.44
N ALA B 95 10.40 -33.76 4.77
CA ALA B 95 9.99 -33.32 3.45
C ALA B 95 9.42 -31.90 3.50
N LEU B 96 8.65 -31.59 4.53
CA LEU B 96 8.04 -30.27 4.63
C LEU B 96 9.11 -29.20 4.87
N ALA B 97 10.02 -29.47 5.80
CA ALA B 97 11.13 -28.56 6.06
C ALA B 97 11.99 -28.33 4.80
N GLN B 98 12.25 -29.40 4.06
CA GLN B 98 13.00 -29.29 2.81
C GLN B 98 12.28 -28.42 1.77
N ALA B 99 10.96 -28.47 1.76
CA ALA B 99 10.17 -27.67 0.84
C ALA B 99 10.26 -26.18 1.17
N TYR B 100 10.18 -25.87 2.46
CA TYR B 100 10.21 -24.48 2.90
C TYR B 100 11.61 -23.87 2.84
N ALA B 101 12.63 -24.70 3.02
CA ALA B 101 14.00 -24.21 3.13
C ALA B 101 14.45 -23.23 2.02
N PRO B 102 14.24 -23.57 0.73
CA PRO B 102 14.70 -22.62 -0.29
C PRO B 102 13.89 -21.32 -0.35
N MET B 103 12.75 -21.29 0.33
CA MET B 103 11.94 -20.08 0.39
C MET B 103 12.42 -19.14 1.49
N GLN B 104 13.20 -19.66 2.43
CA GLN B 104 13.60 -18.92 3.62
C GLN B 104 14.88 -18.11 3.44
N ALA B 105 15.04 -17.10 4.28
CA ALA B 105 16.26 -16.32 4.34
C ALA B 105 16.42 -15.92 5.79
N LEU B 106 17.37 -16.55 6.48
CA LEU B 106 17.53 -16.38 7.93
C LEU B 106 18.83 -15.66 8.26
N ASP B 107 18.80 -14.82 9.28
CA ASP B 107 19.99 -14.11 9.71
C ASP B 107 20.80 -14.88 10.75
N GLU B 108 21.80 -14.21 11.34
CA GLU B 108 22.71 -14.84 12.28
C GLU B 108 22.02 -15.31 13.56
N ARG B 109 20.84 -14.75 13.83
CA ARG B 109 20.06 -15.05 15.01
C ARG B 109 18.99 -16.11 14.73
N GLY B 110 18.85 -16.51 13.47
CA GLY B 110 17.78 -17.43 13.10
C GLY B 110 16.47 -16.72 12.78
N LEU B 111 16.51 -15.39 12.72
CA LEU B 111 15.34 -14.57 12.40
C LEU B 111 15.22 -14.33 10.90
N SER B 112 13.99 -14.28 10.40
CA SER B 112 13.80 -14.06 8.96
C SER B 112 14.28 -12.69 8.49
N GLN B 113 14.93 -12.68 7.33
CA GLN B 113 15.38 -11.44 6.70
C GLN B 113 14.36 -10.89 5.72
N TRP B 114 13.30 -11.65 5.43
CA TRP B 114 12.24 -11.16 4.54
C TRP B 114 11.34 -10.17 5.26
N ALA B 115 10.93 -9.13 4.55
CA ALA B 115 9.84 -8.29 5.03
C ALA B 115 8.55 -9.12 5.07
N ALA B 116 7.70 -8.90 6.06
CA ALA B 116 6.39 -9.53 6.07
C ALA B 116 5.49 -9.03 4.94
N LEU B 117 5.65 -7.77 4.55
CA LEU B 117 4.82 -7.17 3.52
C LEU B 117 5.37 -7.35 2.11
N GLY B 118 6.55 -7.94 2.01
CA GLY B 118 7.22 -8.02 0.73
C GLY B 118 8.07 -6.78 0.49
N GLU B 119 8.74 -6.75 -0.66
CA GLU B 119 9.66 -5.66 -1.02
C GLU B 119 9.15 -4.27 -0.64
N GLY B 120 10.00 -3.52 0.06
CA GLY B 120 9.66 -2.14 0.39
C GLY B 120 10.28 -1.64 1.67
N TYR B 121 9.94 -0.40 2.01
CA TYR B 121 10.55 0.27 3.15
C TYR B 121 10.14 -0.39 4.47
N ARG B 122 11.12 -0.60 5.35
CA ARG B 122 10.87 -1.05 6.70
C ARG B 122 11.45 -0.04 7.68
N ALA B 123 10.66 0.33 8.66
CA ALA B 123 11.08 1.27 9.69
C ALA B 123 12.04 0.61 10.68
N PRO B 124 12.87 1.42 11.36
CA PRO B 124 13.74 0.88 12.40
C PRO B 124 12.93 0.14 13.47
N GLY B 125 13.56 -0.84 14.11
CA GLY B 125 12.86 -1.62 15.11
C GLY B 125 13.02 -1.06 16.51
N ASP B 126 13.74 0.05 16.62
CA ASP B 126 13.97 0.65 17.93
C ASP B 126 13.47 2.10 18.03
N LEU B 127 12.42 2.42 17.27
CA LEU B 127 11.81 3.75 17.31
C LEU B 127 11.27 4.08 18.69
N PRO B 128 11.28 5.37 19.04
CA PRO B 128 10.53 5.78 20.23
C PRO B 128 9.08 5.39 20.04
N LEU B 129 8.42 4.97 21.11
CA LEU B 129 6.99 4.66 21.04
C LEU B 129 6.20 5.88 20.57
N ALA B 130 6.69 7.08 20.89
CA ALA B 130 6.02 8.30 20.45
C ALA B 130 5.95 8.38 18.93
N GLN B 131 6.95 7.86 18.24
CA GLN B 131 6.97 7.88 16.77
C GLN B 131 6.25 6.67 16.17
N LEU B 132 6.48 5.50 16.76
CA LEU B 132 5.80 4.32 16.27
C LEU B 132 4.28 4.53 16.35
N LYS B 133 3.83 5.26 17.38
CA LYS B 133 2.42 5.59 17.54
C LYS B 133 1.84 6.26 16.31
N VAL B 134 2.62 7.13 15.68
CA VAL B 134 2.16 7.83 14.48
C VAL B 134 1.93 6.84 13.33
N LEU B 135 2.81 5.85 13.18
CA LEU B 135 2.63 4.84 12.15
C LEU B 135 1.39 4.00 12.42
N ILE B 136 1.26 3.55 13.66
CA ILE B 136 0.10 2.75 14.04
C ILE B 136 -1.20 3.52 13.82
N GLU B 137 -1.24 4.78 14.23
CA GLU B 137 -2.46 5.55 14.09
C GLU B 137 -2.75 6.02 12.66
N HIS B 138 -1.72 6.35 11.88
CA HIS B 138 -1.95 7.14 10.68
C HIS B 138 -1.37 6.62 9.37
N ALA B 139 -0.53 5.60 9.41
CA ALA B 139 0.02 5.07 8.17
C ALA B 139 -1.02 4.17 7.52
N ARG B 140 -0.73 3.68 6.33
CA ARG B 140 -1.48 2.59 5.75
C ARG B 140 -0.73 1.30 6.10
N ASP B 141 -0.43 0.42 5.15
CA ASP B 141 0.41 -0.73 5.50
C ASP B 141 1.81 -0.26 5.84
N PHE B 142 2.42 -0.85 6.86
CA PHE B 142 3.79 -0.49 7.23
C PHE B 142 4.40 -1.64 8.00
N GLU B 143 5.71 -1.59 8.20
CA GLU B 143 6.40 -2.65 8.92
C GLU B 143 7.67 -2.15 9.57
N THR B 144 8.03 -2.73 10.71
CA THR B 144 9.33 -2.48 11.32
C THR B 144 10.28 -3.66 11.11
N ASP B 145 11.57 -3.35 11.09
CA ASP B 145 12.59 -4.37 11.18
C ASP B 145 12.63 -4.96 12.58
N TRP B 146 13.24 -6.12 12.72
CA TRP B 146 13.45 -6.75 14.00
C TRP B 146 14.30 -5.88 14.92
N SER B 147 14.00 -5.94 16.21
CA SER B 147 14.89 -5.42 17.23
C SER B 147 14.91 -6.39 18.40
N ALA B 148 16.02 -6.42 19.14
CA ALA B 148 16.10 -7.21 20.36
C ALA B 148 15.25 -6.52 21.39
N GLY B 149 14.43 -7.28 22.11
CA GLY B 149 13.63 -6.75 23.20
C GLY B 149 13.95 -7.42 24.52
N ARG B 150 12.97 -7.41 25.43
CA ARG B 150 13.15 -7.94 26.79
C ARG B 150 13.24 -9.47 26.82
N GLY B 151 14.01 -9.98 27.78
CA GLY B 151 14.05 -11.40 28.04
C GLY B 151 14.57 -12.26 26.89
N GLU B 152 15.58 -11.77 26.19
CA GLU B 152 16.23 -12.52 25.13
C GLU B 152 15.34 -12.72 23.90
N THR B 153 14.27 -11.93 23.81
CA THR B 153 13.38 -11.99 22.64
C THR B 153 13.74 -10.96 21.59
N PHE B 154 13.07 -11.10 20.44
CA PHE B 154 13.14 -10.13 19.36
C PHE B 154 11.72 -9.85 18.93
N GLN B 155 11.46 -8.66 18.42
CA GLN B 155 10.09 -8.31 18.08
C GLN B 155 10.05 -7.47 16.80
N ARG B 156 8.91 -7.52 16.12
CA ARG B 156 8.62 -6.63 15.00
C ARG B 156 7.10 -6.55 14.84
N VAL B 157 6.66 -5.63 13.99
CA VAL B 157 5.23 -5.43 13.77
C VAL B 157 5.00 -5.07 12.31
N TRP B 158 3.86 -5.48 11.78
CA TRP B 158 3.44 -5.00 10.48
C TRP B 158 1.94 -4.92 10.43
N ARG B 159 1.44 -4.06 9.56
CA ARG B 159 0.01 -4.03 9.28
C ARG B 159 -0.24 -4.30 7.81
N LYS B 160 -1.14 -5.23 7.54
CA LYS B 160 -1.64 -5.42 6.18
C LYS B 160 -3.15 -5.21 6.24
N GLY B 161 -3.64 -4.19 5.56
CA GLY B 161 -5.07 -3.92 5.58
C GLY B 161 -5.52 -3.53 6.98
N ASP B 162 -6.54 -4.20 7.50
CA ASP B 162 -7.05 -3.85 8.82
C ASP B 162 -6.63 -4.83 9.91
N THR B 163 -5.49 -5.50 9.70
CA THR B 163 -4.91 -6.35 10.74
C THR B 163 -3.47 -5.96 11.05
N LEU B 164 -3.22 -5.70 12.33
CA LEU B 164 -1.88 -5.44 12.85
C LEU B 164 -1.36 -6.74 13.44
N PHE B 165 -0.15 -7.14 13.03
CA PHE B 165 0.45 -8.40 13.44
C PHE B 165 1.65 -8.07 14.31
N VAL B 166 1.64 -8.56 15.53
CA VAL B 166 2.69 -8.27 16.48
C VAL B 166 3.45 -9.57 16.74
N GLU B 167 4.72 -9.61 16.32
CA GLU B 167 5.50 -10.84 16.40
C GLU B 167 6.60 -10.73 17.45
N VAL B 168 6.61 -11.68 18.38
CA VAL B 168 7.72 -11.79 19.32
C VAL B 168 8.34 -13.16 19.09
N ALA B 169 9.66 -13.20 18.94
CA ALA B 169 10.36 -14.42 18.54
C ALA B 169 11.56 -14.68 19.43
N ARG B 170 11.90 -15.96 19.54
CA ARG B 170 13.14 -16.38 20.18
C ARG B 170 13.56 -17.68 19.53
N PRO B 171 14.41 -17.59 18.52
CA PRO B 171 14.80 -18.82 17.81
C PRO B 171 15.38 -19.88 18.75
N PRO B 227 18.05 -30.00 14.59
CA PRO B 227 17.99 -30.61 13.26
C PRO B 227 17.15 -29.76 12.31
N GLU B 228 17.51 -29.74 11.03
CA GLU B 228 16.81 -28.92 10.05
C GLU B 228 15.33 -29.30 9.93
N ALA B 229 15.02 -30.57 10.14
CA ALA B 229 13.66 -31.05 10.02
C ALA B 229 12.81 -30.82 11.27
N HIS B 230 13.40 -30.19 12.30
CA HIS B 230 12.70 -30.04 13.57
C HIS B 230 11.76 -28.82 13.52
N PHE B 231 10.50 -29.04 13.90
CA PHE B 231 9.49 -27.98 13.98
C PHE B 231 9.16 -27.73 15.44
N THR B 232 9.15 -26.47 15.84
CA THR B 232 8.85 -26.14 17.22
C THR B 232 8.36 -24.70 17.31
N VAL B 233 7.90 -24.30 18.48
CA VAL B 233 7.45 -22.92 18.64
C VAL B 233 8.66 -22.00 18.82
N GLN B 234 8.86 -21.13 17.84
CA GLN B 234 9.93 -20.15 17.86
C GLN B 234 9.43 -18.72 17.94
N ALA B 235 8.12 -18.52 17.82
CA ALA B 235 7.54 -17.19 17.80
C ALA B 235 6.09 -17.25 18.19
N PHE B 236 5.54 -16.09 18.52
CA PHE B 236 4.11 -15.96 18.75
C PHE B 236 3.68 -14.68 18.08
N VAL B 237 2.60 -14.75 17.32
CA VAL B 237 2.06 -13.58 16.65
C VAL B 237 0.68 -13.27 17.23
N GLN B 238 0.56 -12.10 17.86
CA GLN B 238 -0.75 -11.63 18.34
C GLN B 238 -1.30 -10.63 17.35
N THR B 239 -2.58 -10.77 16.99
CA THR B 239 -3.17 -9.83 16.04
C THR B 239 -4.18 -8.90 16.69
N LEU B 240 -4.28 -7.70 16.14
CA LEU B 240 -5.30 -6.72 16.49
C LEU B 240 -5.99 -6.35 15.18
N SER B 241 -7.31 -6.46 15.12
CA SER B 241 -8.01 -6.22 13.87
C SER B 241 -8.97 -5.05 13.95
N GLY B 242 -9.33 -4.53 12.79
CA GLY B 242 -10.29 -3.43 12.73
C GLY B 242 -9.75 -2.22 13.48
N ALA B 243 -10.61 -1.58 14.26
CA ALA B 243 -10.18 -0.38 14.99
C ALA B 243 -9.03 -0.65 15.96
N ALA B 244 -8.93 -1.89 16.44
CA ALA B 244 -7.85 -2.26 17.34
C ALA B 244 -6.47 -2.18 16.69
N ALA B 245 -6.45 -2.30 15.36
CA ALA B 245 -5.20 -2.23 14.59
C ALA B 245 -4.59 -0.82 14.50
N ARG B 246 -5.28 0.20 15.05
CA ARG B 246 -4.79 1.57 15.01
C ARG B 246 -4.62 2.23 16.37
N ASN B 247 -4.40 1.40 17.39
CA ASN B 247 -4.30 1.91 18.75
C ASN B 247 -2.94 1.53 19.32
N ALA B 248 -2.10 2.53 19.58
CA ALA B 248 -0.72 2.29 19.98
C ALA B 248 -0.59 1.68 21.38
N GLU B 249 -1.52 2.01 22.26
CA GLU B 249 -1.47 1.42 23.59
C GLU B 249 -1.88 -0.06 23.55
N GLU B 250 -2.80 -0.39 22.65
CA GLU B 250 -3.15 -1.80 22.47
C GLU B 250 -2.00 -2.56 21.82
N TYR B 251 -1.23 -1.89 20.97
CA TYR B 251 0.01 -2.48 20.49
C TYR B 251 0.96 -2.86 21.62
N ARG B 252 1.17 -1.95 22.58
CA ARG B 252 2.03 -2.25 23.71
C ARG B 252 1.53 -3.50 24.46
N ALA B 253 0.22 -3.59 24.62
CA ALA B 253 -0.38 -4.73 25.30
C ALA B 253 -0.16 -6.03 24.52
N ALA B 254 -0.27 -5.95 23.20
CA ALA B 254 -0.09 -7.14 22.37
C ALA B 254 1.35 -7.68 22.43
N LEU B 255 2.33 -6.80 22.53
CA LEU B 255 3.73 -7.22 22.69
C LEU B 255 3.88 -8.03 23.96
N LYS B 256 3.27 -7.56 25.04
CA LYS B 256 3.36 -8.25 26.32
C LYS B 256 2.70 -9.63 26.24
N THR B 257 1.53 -9.67 25.62
CA THR B 257 0.80 -10.92 25.39
C THR B 257 1.64 -11.93 24.61
N ALA B 258 2.21 -11.51 23.50
CA ALA B 258 2.99 -12.41 22.67
C ALA B 258 4.25 -12.91 23.38
N ALA B 259 4.94 -12.01 24.08
CA ALA B 259 6.14 -12.42 24.82
C ALA B 259 5.78 -13.41 25.92
N ALA B 260 4.68 -13.18 26.61
CA ALA B 260 4.29 -14.07 27.69
C ALA B 260 3.92 -15.45 27.16
N ALA B 261 3.21 -15.47 26.03
CA ALA B 261 2.83 -16.75 25.45
C ALA B 261 4.06 -17.51 24.97
N LEU B 262 4.99 -16.80 24.34
CA LEU B 262 6.20 -17.42 23.85
C LEU B 262 7.00 -18.06 24.99
N GLU B 263 7.11 -17.33 26.11
CA GLU B 263 7.86 -17.84 27.26
C GLU B 263 7.23 -19.13 27.78
N GLU B 264 5.90 -19.21 27.76
CA GLU B 264 5.22 -20.42 28.21
C GLU B 264 5.58 -21.62 27.33
N TYR B 265 5.66 -21.41 26.02
CA TYR B 265 5.99 -22.50 25.12
C TYR B 265 7.42 -22.99 25.31
N GLN B 266 8.32 -22.05 25.58
CA GLN B 266 9.74 -22.35 25.60
C GLN B 266 10.29 -22.62 27.00
S SO4 C . -0.37 15.04 -38.76
O1 SO4 C . -1.61 15.64 -38.25
O2 SO4 C . -0.67 14.17 -39.90
O3 SO4 C . 0.55 16.10 -39.17
O4 SO4 C . 0.29 14.27 -37.71
C1 GOL D . 3.07 13.05 -36.29
O1 GOL D . 2.25 12.51 -37.30
C2 GOL D . 4.14 13.98 -36.86
O2 GOL D . 4.99 14.42 -35.82
C3 GOL D . 3.48 15.18 -37.53
O3 GOL D . 4.48 15.97 -38.13
#